data_6E4E
#
_entry.id   6E4E
#
_cell.length_a   79.000
_cell.length_b   79.000
_cell.length_c   108.930
_cell.angle_alpha   90.000
_cell.angle_beta   90.000
_cell.angle_gamma   120.000
#
_symmetry.space_group_name_H-M   'P 61 2 2'
#
loop_
_entity.id
_entity.type
_entity.pdbx_description
1 polymer 'Dihydrofolate reductase'
2 non-polymer 'NADP NICOTINAMIDE-ADENINE-DINUCLEOTIDE PHOSPHATE'
3 non-polymer '3-(2-{3-[(2,4-diamino-6-ethylpyrimidin-5-yl)oxy]propoxy}phenyl)propanoic acid'
4 water water
#
_entity_poly.entity_id   1
_entity_poly.type   'polypeptide(L)'
_entity_poly.pdbx_seq_one_letter_code
;MGSSHHHHHHSSGLVPRGSHMASMTLSILVAHDLQRVIGFENQLPWHLPNDLKHVKKLSTGHTLVMGRKTFESIGKPLPN
RRNVVLTSDTSFNVEGVDVIHSIEDIYQLPGHVFIFGGQTLFEEMIDKVDDMYITVIEGKFRGDTFFPPYTFEDWEVASS
VEGKLDEKNTIPHTFLHLIRKK
;
_entity_poly.pdbx_strand_id   A
#
loop_
_chem_comp.id
_chem_comp.type
_chem_comp.name
_chem_comp.formula
MMV non-polymer '3-(2-{3-[(2,4-diamino-6-ethylpyrimidin-5-yl)oxy]propoxy}phenyl)propanoic acid' 'C18 H24 N4 O4'
NAP non-polymer 'NADP NICOTINAMIDE-ADENINE-DINUCLEOTIDE PHOSPHATE' 'C21 H28 N7 O17 P3'
#
# COMPACT_ATOMS: atom_id res chain seq x y z
N MET A 24 -15.69 -1.74 7.15
CA MET A 24 -14.24 -1.65 6.99
C MET A 24 -13.84 -0.54 6.01
N THR A 25 -13.69 0.69 6.53
CA THR A 25 -13.44 1.85 5.68
C THR A 25 -11.97 2.26 5.62
N LEU A 26 -11.13 1.78 6.53
CA LEU A 26 -9.71 2.14 6.58
C LEU A 26 -8.89 0.88 6.42
N SER A 27 -8.11 0.78 5.34
CA SER A 27 -7.38 -0.43 5.02
C SER A 27 -5.93 -0.11 4.68
N ILE A 28 -5.07 -1.06 4.90
CA ILE A 28 -3.71 -1.00 4.37
C ILE A 28 -3.69 -1.73 3.03
N LEU A 29 -2.93 -1.19 2.09
CA LEU A 29 -2.69 -1.82 0.80
C LEU A 29 -1.18 -1.85 0.58
N VAL A 30 -0.60 -3.04 0.51
CA VAL A 30 0.87 -3.17 0.48
C VAL A 30 1.27 -4.42 -0.31
N ALA A 31 2.43 -4.32 -0.96
CA ALA A 31 3.15 -5.48 -1.49
C ALA A 31 4.50 -5.58 -0.80
N HIS A 32 4.77 -6.72 -0.16
CA HIS A 32 6.06 -6.92 0.51
C HIS A 32 6.58 -8.32 0.20
N ASP A 33 7.90 -8.47 0.27
CA ASP A 33 8.53 -9.73 -0.06
C ASP A 33 8.63 -10.61 1.19
N LEU A 34 9.34 -11.74 1.08
CA LEU A 34 9.41 -12.69 2.19
C LEU A 34 10.05 -12.09 3.44
N GLN A 35 10.83 -11.02 3.31
CA GLN A 35 11.44 -10.38 4.47
C GLN A 35 10.83 -9.00 4.75
N ARG A 36 9.65 -8.73 4.19
CA ARG A 36 8.86 -7.51 4.35
C ARG A 36 9.51 -6.29 3.71
N VAL A 37 10.41 -6.52 2.74
CA VAL A 37 10.89 -5.41 1.91
C VAL A 37 9.73 -4.87 1.09
N ILE A 38 9.61 -3.54 1.04
CA ILE A 38 8.64 -2.90 0.17
C ILE A 38 9.29 -1.99 -0.87
N GLY A 39 10.56 -1.60 -0.73
CA GLY A 39 11.11 -0.66 -1.69
C GLY A 39 12.62 -0.66 -1.65
N PHE A 40 13.21 -0.12 -2.71
CA PHE A 40 14.65 0.09 -2.76
C PHE A 40 14.94 1.30 -3.63
N GLU A 41 15.69 2.25 -3.07
CA GLU A 41 16.06 3.48 -3.77
C GLU A 41 14.84 4.13 -4.43
N ASN A 42 13.74 4.21 -3.67
CA ASN A 42 12.51 4.89 -4.07
C ASN A 42 11.83 4.24 -5.27
N GLN A 43 12.07 2.96 -5.49
CA GLN A 43 11.39 2.20 -6.52
C GLN A 43 10.91 0.89 -5.93
N LEU A 44 10.09 0.16 -6.69
CA LEU A 44 9.75 -1.20 -6.33
C LEU A 44 10.85 -2.14 -6.79
N PRO A 45 11.27 -3.09 -5.95
CA PRO A 45 12.36 -4.00 -6.34
C PRO A 45 11.94 -5.02 -7.37
N TRP A 46 10.65 -5.24 -7.56
CA TRP A 46 10.12 -6.24 -8.48
C TRP A 46 9.24 -5.56 -9.51
N HIS A 47 8.96 -6.27 -10.60
CA HIS A 47 7.98 -5.84 -11.58
C HIS A 47 6.91 -6.91 -11.66
N LEU A 48 5.69 -6.56 -11.29
CA LEU A 48 4.59 -7.51 -11.20
C LEU A 48 3.32 -6.83 -11.69
N PRO A 49 3.06 -6.88 -13.00
CA PRO A 49 1.82 -6.31 -13.53
C PRO A 49 0.55 -6.80 -12.85
N ASN A 50 0.47 -8.09 -12.49
CA ASN A 50 -0.72 -8.59 -11.80
C ASN A 50 -1.00 -7.77 -10.56
N ASP A 51 0.07 -7.35 -9.85
CA ASP A 51 -0.13 -6.63 -8.61
C ASP A 51 -0.62 -5.20 -8.87
N LEU A 52 -0.11 -4.56 -9.91
CA LEU A 52 -0.66 -3.26 -10.29
CA LEU A 52 -0.65 -3.26 -10.30
C LEU A 52 -2.13 -3.36 -10.66
N LYS A 53 -2.51 -4.43 -11.38
CA LYS A 53 -3.93 -4.63 -11.69
C LYS A 53 -4.75 -4.81 -10.42
N HIS A 54 -4.20 -5.57 -9.47
CA HIS A 54 -4.84 -5.79 -8.17
C HIS A 54 -5.09 -4.48 -7.43
N VAL A 55 -4.07 -3.61 -7.38
CA VAL A 55 -4.22 -2.30 -6.76
C VAL A 55 -5.32 -1.52 -7.45
N LYS A 56 -5.32 -1.52 -8.78
CA LYS A 56 -6.29 -0.73 -9.52
C LYS A 56 -7.71 -1.23 -9.28
N LYS A 57 -7.88 -2.55 -9.26
CA LYS A 57 -9.20 -3.13 -9.00
C LYS A 57 -9.70 -2.77 -7.59
N LEU A 58 -8.84 -2.87 -6.57
CA LEU A 58 -9.28 -2.60 -5.22
C LEU A 58 -9.54 -1.12 -4.98
N SER A 59 -8.73 -0.24 -5.58
CA SER A 59 -8.74 1.17 -5.19
C SER A 59 -9.54 2.08 -6.11
N THR A 60 -9.81 1.68 -7.35
CA THR A 60 -10.55 2.54 -8.28
C THR A 60 -11.88 2.96 -7.70
N GLY A 61 -12.17 4.26 -7.78
CA GLY A 61 -13.38 4.81 -7.19
C GLY A 61 -13.28 5.11 -5.72
N HIS A 62 -12.14 4.85 -5.08
CA HIS A 62 -11.97 5.13 -3.66
C HIS A 62 -10.83 6.11 -3.44
N THR A 63 -10.13 6.03 -2.29
CA THR A 63 -9.15 7.03 -1.90
C THR A 63 -7.84 6.38 -1.47
N LEU A 64 -6.72 6.87 -2.03
CA LEU A 64 -5.38 6.46 -1.64
C LEU A 64 -4.73 7.55 -0.78
N VAL A 65 -4.16 7.14 0.35
CA VAL A 65 -3.34 8.03 1.17
C VAL A 65 -1.90 7.52 1.11
N MET A 66 -0.97 8.43 0.78
CA MET A 66 0.41 8.03 0.59
C MET A 66 1.35 9.13 1.06
N GLY A 67 2.55 8.72 1.48
CA GLY A 67 3.59 9.67 1.86
C GLY A 67 4.16 10.40 0.66
N ARG A 68 4.88 11.49 0.97
CA ARG A 68 5.37 12.38 -0.07
C ARG A 68 6.35 11.65 -0.99
N LYS A 69 7.24 10.83 -0.42
CA LYS A 69 8.21 10.10 -1.22
C LYS A 69 7.53 9.11 -2.15
N THR A 70 6.53 8.38 -1.65
CA THR A 70 5.79 7.47 -2.51
C THR A 70 5.11 8.21 -3.65
N PHE A 71 4.55 9.38 -3.38
CA PHE A 71 3.93 10.13 -4.47
C PHE A 71 4.96 10.50 -5.54
N GLU A 72 6.16 10.94 -5.11
CA GLU A 72 7.17 11.31 -6.07
C GLU A 72 7.70 10.12 -6.85
N SER A 73 7.68 8.93 -6.25
CA SER A 73 7.97 7.71 -7.01
C SER A 73 6.93 7.46 -8.08
N ILE A 74 5.65 7.63 -7.73
CA ILE A 74 4.57 7.44 -8.70
C ILE A 74 4.56 8.56 -9.72
N GLY A 75 4.94 9.77 -9.31
CA GLY A 75 4.90 10.92 -10.19
C GLY A 75 3.50 11.49 -10.35
N LYS A 76 2.76 10.99 -11.33
CA LYS A 76 1.41 11.49 -11.57
C LYS A 76 0.42 10.81 -10.63
N PRO A 77 -0.67 11.48 -10.28
CA PRO A 77 -1.70 10.83 -9.48
C PRO A 77 -2.36 9.70 -10.27
N LEU A 78 -2.82 8.68 -9.55
CA LEU A 78 -3.41 7.60 -10.31
C LEU A 78 -4.84 7.96 -10.73
N PRO A 79 -5.23 7.63 -11.94
CA PRO A 79 -6.53 8.08 -12.46
C PRO A 79 -7.67 7.29 -11.84
N ASN A 80 -8.83 7.94 -11.79
CA ASN A 80 -10.11 7.33 -11.41
C ASN A 80 -10.19 6.99 -9.93
N ARG A 81 -9.47 7.73 -9.09
CA ARG A 81 -9.61 7.65 -7.64
C ARG A 81 -9.04 8.91 -7.03
N ARG A 82 -9.41 9.16 -5.78
CA ARG A 82 -8.88 10.30 -5.03
C ARG A 82 -7.47 10.00 -4.51
N ASN A 83 -6.52 10.90 -4.80
CA ASN A 83 -5.12 10.76 -4.35
C ASN A 83 -4.84 11.80 -3.28
N VAL A 84 -4.52 11.33 -2.07
CA VAL A 84 -4.18 12.19 -0.94
C VAL A 84 -2.72 11.96 -0.56
N VAL A 85 -1.94 13.03 -0.48
CA VAL A 85 -0.51 12.96 -0.17
C VAL A 85 -0.30 13.63 1.19
N LEU A 86 0.32 12.88 2.11
CA LEU A 86 0.70 13.39 3.42
C LEU A 86 2.11 13.96 3.33
N THR A 87 2.25 15.25 3.63
CA THR A 87 3.55 15.91 3.60
C THR A 87 3.55 17.08 4.56
N SER A 88 4.73 17.41 5.10
CA SER A 88 4.89 18.61 5.90
C SER A 88 5.06 19.87 5.04
N ASP A 89 5.20 19.72 3.72
CA ASP A 89 5.55 20.81 2.82
C ASP A 89 4.32 21.67 2.55
N THR A 90 4.29 22.88 3.11
CA THR A 90 3.14 23.75 2.89
C THR A 90 3.06 24.29 1.47
N SER A 91 4.12 24.13 0.68
CA SER A 91 4.11 24.53 -0.71
C SER A 91 3.53 23.48 -1.64
N PHE A 92 3.33 22.24 -1.16
CA PHE A 92 2.75 21.20 -1.98
C PHE A 92 1.36 21.63 -2.45
N ASN A 93 1.17 21.67 -3.77
CA ASN A 93 -0.13 21.95 -4.35
C ASN A 93 -0.14 21.41 -5.77
N VAL A 94 -0.41 20.11 -5.91
CA VAL A 94 -0.25 19.40 -7.19
C VAL A 94 -1.63 19.19 -7.81
N GLU A 95 -1.75 19.52 -9.09
CA GLU A 95 -3.02 19.35 -9.78
C GLU A 95 -3.47 17.88 -9.73
N GLY A 96 -4.72 17.68 -9.31
CA GLY A 96 -5.29 16.36 -9.19
C GLY A 96 -4.94 15.63 -7.91
N VAL A 97 -4.30 16.30 -6.97
CA VAL A 97 -3.84 15.68 -5.73
C VAL A 97 -4.38 16.49 -4.58
N ASP A 98 -4.90 15.82 -3.57
CA ASP A 98 -5.30 16.47 -2.33
C ASP A 98 -4.17 16.31 -1.33
N VAL A 99 -3.95 17.34 -0.51
CA VAL A 99 -2.82 17.34 0.40
C VAL A 99 -3.34 17.34 1.83
N ILE A 100 -2.71 16.54 2.69
CA ILE A 100 -2.94 16.56 4.12
C ILE A 100 -1.61 16.70 4.82
N HIS A 101 -1.64 17.27 6.03
CA HIS A 101 -0.42 17.56 6.75
C HIS A 101 -0.29 16.82 8.07
N SER A 102 -1.30 16.04 8.47
CA SER A 102 -1.27 15.34 9.74
C SER A 102 -1.85 13.93 9.57
N ILE A 103 -1.43 13.03 10.45
CA ILE A 103 -2.05 11.70 10.48
C ILE A 103 -3.54 11.82 10.77
N GLU A 104 -3.92 12.76 11.64
CA GLU A 104 -5.31 12.86 12.07
C GLU A 104 -6.22 13.28 10.91
N ASP A 105 -5.68 13.95 9.90
CA ASP A 105 -6.48 14.31 8.72
C ASP A 105 -7.05 13.08 8.02
N ILE A 106 -6.38 11.93 8.12
CA ILE A 106 -6.86 10.74 7.44
C ILE A 106 -8.27 10.37 7.91
N TYR A 107 -8.52 10.47 9.21
CA TYR A 107 -9.79 10.03 9.76
C TYR A 107 -10.98 10.87 9.30
N GLN A 108 -10.76 11.99 8.60
CA GLN A 108 -11.87 12.78 8.08
C GLN A 108 -12.17 12.50 6.61
N LEU A 109 -11.32 11.73 5.94
CA LEU A 109 -11.56 11.42 4.54
C LEU A 109 -12.80 10.54 4.40
N PRO A 110 -13.72 10.85 3.49
CA PRO A 110 -14.90 10.01 3.33
C PRO A 110 -14.61 8.74 2.54
N GLY A 111 -15.49 7.77 2.72
CA GLY A 111 -15.47 6.55 1.93
C GLY A 111 -14.42 5.56 2.40
N HIS A 112 -14.08 4.65 1.50
CA HIS A 112 -13.06 3.65 1.76
C HIS A 112 -11.69 4.24 1.49
N VAL A 113 -10.84 4.28 2.52
CA VAL A 113 -9.50 4.86 2.45
C VAL A 113 -8.47 3.75 2.54
N PHE A 114 -7.53 3.74 1.59
CA PHE A 114 -6.45 2.76 1.55
C PHE A 114 -5.15 3.48 1.86
N ILE A 115 -4.49 3.04 2.93
CA ILE A 115 -3.13 3.48 3.22
C ILE A 115 -2.19 2.84 2.21
N PHE A 116 -1.52 3.67 1.42
CA PHE A 116 -0.79 3.25 0.24
C PHE A 116 0.71 3.13 0.46
N GLY A 117 1.21 3.54 1.61
CA GLY A 117 2.64 3.57 1.88
C GLY A 117 3.16 5.00 1.95
N GLY A 118 4.48 5.12 2.17
CA GLY A 118 5.40 3.99 2.28
C GLY A 118 5.66 3.53 3.70
N GLN A 119 6.93 3.25 4.04
CA GLN A 119 7.25 2.65 5.34
C GLN A 119 6.72 3.50 6.47
N THR A 120 6.89 4.81 6.38
CA THR A 120 6.46 5.71 7.43
CA THR A 120 6.46 5.71 7.43
C THR A 120 4.95 5.60 7.66
N LEU A 121 4.16 5.69 6.58
CA LEU A 121 2.71 5.60 6.72
C LEU A 121 2.30 4.25 7.30
N PHE A 122 2.88 3.17 6.79
CA PHE A 122 2.48 1.83 7.24
C PHE A 122 2.71 1.67 8.75
N GLU A 123 3.87 2.10 9.24
CA GLU A 123 4.16 2.00 10.67
C GLU A 123 3.20 2.87 11.48
N GLU A 124 2.85 4.04 10.94
CA GLU A 124 1.95 4.94 11.64
C GLU A 124 0.53 4.39 11.73
N MET A 125 0.14 3.52 10.79
CA MET A 125 -1.25 3.13 10.66
C MET A 125 -1.55 1.64 10.90
N ILE A 126 -0.54 0.78 11.02
CA ILE A 126 -0.84 -0.66 11.07
C ILE A 126 -1.70 -1.01 12.28
N ASP A 127 -1.57 -0.24 13.37
CA ASP A 127 -2.38 -0.46 14.56
C ASP A 127 -3.76 0.16 14.49
N LYS A 128 -4.06 0.94 13.45
CA LYS A 128 -5.34 1.63 13.34
C LYS A 128 -6.26 1.07 12.27
N VAL A 129 -5.72 0.37 11.26
CA VAL A 129 -6.56 0.00 10.13
C VAL A 129 -7.51 -1.14 10.50
N ASP A 130 -8.60 -1.25 9.75
CA ASP A 130 -9.55 -2.33 9.97
C ASP A 130 -9.03 -3.64 9.40
N ASP A 131 -8.32 -3.57 8.28
CA ASP A 131 -7.92 -4.75 7.53
C ASP A 131 -6.72 -4.39 6.67
N MET A 132 -6.13 -5.41 6.05
CA MET A 132 -4.95 -5.22 5.21
C MET A 132 -5.10 -6.08 3.97
N TYR A 133 -4.88 -5.48 2.80
CA TYR A 133 -4.75 -6.19 1.53
C TYR A 133 -3.27 -6.29 1.22
N ILE A 134 -2.71 -7.48 1.41
CA ILE A 134 -1.26 -7.68 1.31
C ILE A 134 -0.98 -8.57 0.10
N THR A 135 -0.09 -8.12 -0.77
CA THR A 135 0.47 -8.98 -1.80
C THR A 135 1.81 -9.49 -1.27
N VAL A 136 1.88 -10.77 -0.93
CA VAL A 136 3.15 -11.36 -0.51
C VAL A 136 3.92 -11.77 -1.75
N ILE A 137 5.08 -11.13 -1.98
CA ILE A 137 5.97 -11.48 -3.08
CA ILE A 137 5.95 -11.50 -3.09
C ILE A 137 6.91 -12.56 -2.58
N GLU A 138 6.82 -13.75 -3.17
CA GLU A 138 7.52 -14.92 -2.61
C GLU A 138 8.97 -14.95 -3.07
N GLY A 139 9.70 -13.88 -2.73
CA GLY A 139 11.12 -13.81 -3.05
C GLY A 139 11.83 -12.96 -2.02
N LYS A 140 13.15 -12.92 -2.12
CA LYS A 140 13.97 -12.12 -1.22
C LYS A 140 14.76 -11.11 -2.04
N PHE A 141 14.39 -9.83 -1.92
CA PHE A 141 15.00 -8.74 -2.69
C PHE A 141 15.89 -7.89 -1.79
N ARG A 142 16.80 -7.12 -2.39
CA ARG A 142 17.51 -6.10 -1.62
C ARG A 142 16.56 -4.92 -1.40
N GLY A 143 16.40 -4.50 -0.14
CA GLY A 143 15.52 -3.39 0.16
C GLY A 143 16.18 -2.37 1.08
N ASP A 144 15.58 -1.18 1.11
CA ASP A 144 15.95 -0.21 2.13
C ASP A 144 14.74 0.33 2.88
N THR A 145 13.55 -0.21 2.59
CA THR A 145 12.31 0.21 3.22
CA THR A 145 12.27 0.22 3.16
C THR A 145 11.43 -1.02 3.45
N PHE A 146 10.73 -1.04 4.59
CA PHE A 146 10.14 -2.27 5.09
C PHE A 146 8.73 -2.04 5.63
N PHE A 147 7.89 -3.05 5.50
CA PHE A 147 6.59 -3.13 6.18
C PHE A 147 6.83 -3.64 7.60
N PRO A 148 6.10 -3.16 8.61
CA PRO A 148 6.37 -3.59 10.00
C PRO A 148 6.03 -5.06 10.18
N PRO A 149 6.72 -5.75 11.10
CA PRO A 149 6.32 -7.11 11.44
C PRO A 149 4.89 -7.15 11.97
N TYR A 150 4.22 -8.25 11.70
CA TYR A 150 2.85 -8.49 12.15
C TYR A 150 2.67 -9.98 12.33
N THR A 151 1.74 -10.35 13.21
CA THR A 151 1.54 -11.74 13.57
C THR A 151 0.13 -12.18 13.22
N PHE A 152 -0.01 -13.44 12.80
CA PHE A 152 -1.34 -13.94 12.51
C PHE A 152 -2.12 -14.24 13.77
N GLU A 153 -1.53 -14.04 14.96
CA GLU A 153 -2.33 -14.06 16.18
C GLU A 153 -3.23 -12.83 16.30
N ASP A 154 -2.99 -11.79 15.50
CA ASP A 154 -3.82 -10.60 15.51
C ASP A 154 -4.68 -10.45 14.27
N TRP A 155 -4.47 -11.25 13.25
CA TRP A 155 -5.06 -11.03 11.93
C TRP A 155 -5.65 -12.34 11.43
N GLU A 156 -6.95 -12.33 11.15
CA GLU A 156 -7.63 -13.45 10.51
C GLU A 156 -7.49 -13.36 9.00
N VAL A 157 -7.22 -14.51 8.36
CA VAL A 157 -7.09 -14.57 6.90
C VAL A 157 -8.51 -14.65 6.32
N ALA A 158 -9.02 -13.53 5.82
CA ALA A 158 -10.32 -13.55 5.15
C ALA A 158 -10.24 -14.26 3.81
N SER A 159 -9.10 -14.16 3.12
CA SER A 159 -8.89 -14.88 1.87
C SER A 159 -7.40 -14.90 1.53
N SER A 160 -7.01 -15.93 0.78
CA SER A 160 -5.63 -16.10 0.33
C SER A 160 -5.70 -16.68 -1.07
N VAL A 161 -5.17 -15.96 -2.07
CA VAL A 161 -5.34 -16.32 -3.47
C VAL A 161 -3.96 -16.27 -4.13
N GLU A 162 -3.54 -17.39 -4.71
CA GLU A 162 -2.26 -17.43 -5.42
C GLU A 162 -2.36 -16.63 -6.71
N GLY A 163 -1.40 -15.73 -6.92
CA GLY A 163 -1.32 -15.04 -8.19
C GLY A 163 -0.92 -16.00 -9.28
N LYS A 164 -1.39 -15.72 -10.49
CA LYS A 164 -1.06 -16.53 -11.64
C LYS A 164 0.27 -16.09 -12.23
N LEU A 165 1.12 -17.06 -12.54
CA LEU A 165 2.37 -16.77 -13.23
C LEU A 165 2.15 -16.87 -14.74
N ASP A 166 2.84 -16.01 -15.48
CA ASP A 166 2.81 -16.05 -16.94
C ASP A 166 4.08 -15.38 -17.45
N GLU A 167 4.11 -15.05 -18.73
CA GLU A 167 5.29 -14.41 -19.31
C GLU A 167 5.58 -13.06 -18.64
N LYS A 168 4.55 -12.34 -18.23
CA LYS A 168 4.71 -11.02 -17.64
C LYS A 168 4.81 -11.03 -16.12
N ASN A 169 4.36 -12.08 -15.46
CA ASN A 169 4.38 -12.15 -13.99
C ASN A 169 5.14 -13.41 -13.59
N THR A 170 6.42 -13.26 -13.27
CA THR A 170 7.34 -14.38 -13.16
C THR A 170 7.75 -14.68 -11.72
N ILE A 171 7.35 -13.86 -10.75
CA ILE A 171 7.66 -14.09 -9.34
C ILE A 171 6.40 -14.61 -8.65
N PRO A 172 6.45 -15.73 -7.93
CA PRO A 172 5.24 -16.20 -7.25
C PRO A 172 4.77 -15.15 -6.27
N HIS A 173 3.47 -14.99 -6.15
CA HIS A 173 2.92 -13.97 -5.27
C HIS A 173 1.56 -14.45 -4.78
N THR A 174 1.18 -14.01 -3.58
CA THR A 174 -0.09 -14.38 -2.97
C THR A 174 -0.85 -13.13 -2.51
N PHE A 175 -2.14 -13.05 -2.83
CA PHE A 175 -2.97 -11.94 -2.37
C PHE A 175 -3.65 -12.36 -1.07
N LEU A 176 -3.31 -11.67 0.02
CA LEU A 176 -3.92 -11.92 1.32
C LEU A 176 -4.86 -10.77 1.68
N HIS A 177 -6.05 -11.11 2.17
CA HIS A 177 -6.92 -10.14 2.83
C HIS A 177 -6.98 -10.55 4.29
N LEU A 178 -6.43 -9.70 5.16
CA LEU A 178 -6.36 -9.95 6.60
C LEU A 178 -7.29 -8.99 7.33
N ILE A 179 -8.02 -9.49 8.33
CA ILE A 179 -8.96 -8.68 9.09
C ILE A 179 -8.56 -8.75 10.56
N ARG A 180 -8.52 -7.59 11.21
CA ARG A 180 -8.07 -7.54 12.59
C ARG A 180 -8.98 -8.40 13.47
N LYS A 181 -8.38 -9.30 14.25
CA LYS A 181 -9.16 -10.12 15.18
C LYS A 181 -9.67 -9.26 16.33
N LYS A 182 -10.87 -9.60 16.82
CA LYS A 182 -11.49 -8.87 17.93
C LYS A 182 -11.05 -9.44 19.29
PA NAP B . 6.96 7.65 2.27
O1A NAP B . 6.36 7.10 3.51
O2A NAP B . 6.38 7.30 0.90
O5B NAP B . 7.07 9.24 2.46
C5B NAP B . 7.73 9.73 3.63
C4B NAP B . 7.31 11.17 3.72
O4B NAP B . 5.87 11.25 3.94
C3B NAP B . 7.93 11.98 4.85
O3B NAP B . 9.25 12.39 4.48
C2B NAP B . 6.93 13.14 4.87
O2B NAP B . 7.08 14.00 3.73
C1B NAP B . 5.60 12.41 4.70
N9A NAP B . 5.02 12.02 5.96
C8A NAP B . 4.99 10.78 6.55
N7A NAP B . 4.44 10.76 7.74
C5A NAP B . 4.08 12.09 7.94
C6A NAP B . 3.42 12.73 9.01
N6A NAP B . 3.08 12.12 10.15
N1A NAP B . 3.16 14.06 8.88
C2A NAP B . 3.54 14.68 7.76
N3A NAP B . 4.18 14.18 6.69
C4A NAP B . 4.41 12.87 6.85
O3 NAP B . 8.49 7.21 2.24
PN NAP B . 9.27 5.88 2.65
O1N NAP B . 10.69 6.07 2.29
O2N NAP B . 8.89 5.53 4.03
O5D NAP B . 8.67 4.85 1.60
C5D NAP B . 9.00 4.97 0.20
C4D NAP B . 9.60 3.67 -0.27
O4D NAP B . 8.62 2.62 -0.13
C3D NAP B . 10.00 3.67 -1.74
O3D NAP B . 11.03 2.71 -2.00
C2D NAP B . 8.72 3.21 -2.41
O2D NAP B . 8.94 2.63 -3.69
C1D NAP B . 8.29 2.13 -1.41
N1N NAP B . 6.77 1.83 -1.44
C2N NAP B . 6.41 0.55 -1.63
C3N NAP B . 5.11 0.15 -1.42
C7N NAP B . 4.72 -1.30 -1.51
O7N NAP B . 3.57 -1.64 -1.18
N7N NAP B . 5.64 -2.17 -1.91
C4N NAP B . 4.17 1.12 -1.07
C5N NAP B . 4.55 2.44 -0.95
C6N NAP B . 5.87 2.79 -1.14
P2B NAP B . 7.90 15.43 3.81
O1X NAP B . 9.34 15.02 4.04
O2X NAP B . 7.59 15.98 2.39
O3X NAP B . 7.29 16.13 4.97
C1 MMV C . 0.92 -0.98 -2.72
N2 MMV C . 0.21 -2.10 -2.64
C3 MMV C . 0.40 -3.05 -3.58
N4 MMV C . 1.28 -2.91 -4.60
C5 MMV C . 1.99 -1.77 -4.70
C6 MMV C . 1.83 -0.76 -3.75
N7 MMV C . 0.72 -0.02 -1.78
N8 MMV C . -0.30 -4.18 -3.49
C9 MMV C . 2.93 -1.66 -5.85
C10 MMV C . 2.15 -1.59 -7.16
O11 MMV C . 2.53 0.41 -3.78
C12 MMV C . 1.93 1.53 -4.45
C13 MMV C . 2.65 2.80 -4.09
C14 MMV C . 4.09 2.81 -4.55
O15 MMV C . 4.06 2.35 -5.91
C16 MMV C . 5.15 2.58 -6.70
C17 MMV C . 4.92 2.51 -8.08
C18 MMV C . 5.99 2.72 -8.95
C19 MMV C . 7.25 2.99 -8.47
C20 MMV C . 7.47 3.05 -7.10
C21 MMV C . 6.43 2.85 -6.22
C22 MMV C . 3.52 2.20 -8.60
C23 MMV C . 3.30 2.56 -10.05
C24 MMV C . 3.82 1.50 -11.01
O25 MMV C . 3.69 1.71 -12.24
O26 MMV C . 4.35 0.47 -10.52
#